data_1MIR
#
_entry.id   1MIR
#
_cell.length_a   99.600
_cell.length_b   99.600
_cell.length_c   141.400
_cell.angle_alpha   90.00
_cell.angle_beta   90.00
_cell.angle_gamma   120.00
#
_symmetry.space_group_name_H-M   'P 31 2 1'
#
loop_
_entity.id
_entity.type
_entity.pdbx_description
1 polymer 'PROCATHEPSIN B'
2 water water
#
_entity_poly.entity_id   1
_entity_poly.type   'polypeptide(L)'
_entity_poly.pdbx_seq_one_letter_code
;HDKPSFHPLSDDMINYINKQNTTWQAGRNFYNVDISYLKKLCGTVLGGPKLPERVGFSEDINLPESFDAREQWSNCPTIA
QIRDQGSCGSSWAFGAVEAMSDRICIHTNGRVNVEVSAEDLLTCCGIQCGDGCNGGYPSGAWNFWTRKGLVSGGVYNSHI
GCLPYTIPPCEHHVNGARPPCTGEGDTPKCNKMCEAGYSTSYKEDKHYGYTSYSVSDSEKEIMAEIYKNGPVEGAFTVFS
DFLTYKSGVYKHEAGDVMGGHAIRILGWGIENGVPYWLVANSWNADWGDNGFFKILRGENHCGIESEIVAGIPRTQQYWG
RF
;
_entity_poly.pdbx_strand_id   A,B
#
# COMPACT_ATOMS: atom_id res chain seq x y z
N SER A 10 22.61 -2.91 6.18
CA SER A 10 22.49 -3.52 4.83
C SER A 10 21.02 -3.62 4.45
N ASP A 11 20.62 -2.79 3.49
CA ASP A 11 19.25 -2.69 3.00
C ASP A 11 18.51 -4.03 2.84
N ASP A 12 19.25 -5.07 2.49
CA ASP A 12 18.65 -6.38 2.30
C ASP A 12 17.69 -6.76 3.43
N MET A 13 18.11 -6.53 4.67
CA MET A 13 17.28 -6.86 5.81
C MET A 13 16.03 -5.99 5.86
N ILE A 14 16.21 -4.68 5.73
CA ILE A 14 15.09 -3.75 5.75
C ILE A 14 13.97 -4.26 4.84
N ASN A 15 14.33 -4.75 3.66
CA ASN A 15 13.34 -5.26 2.72
C ASN A 15 12.74 -6.57 3.18
N TYR A 16 13.57 -7.51 3.62
CA TYR A 16 13.08 -8.81 4.09
C TYR A 16 12.02 -8.57 5.18
N ILE A 17 12.30 -7.63 6.06
CA ILE A 17 11.42 -7.27 7.15
C ILE A 17 10.07 -6.79 6.61
N ASN A 18 10.11 -5.80 5.72
CA ASN A 18 8.90 -5.26 5.12
C ASN A 18 8.12 -6.32 4.36
N LYS A 19 8.84 -7.17 3.63
CA LYS A 19 8.23 -8.24 2.85
C LYS A 19 7.51 -9.27 3.73
N GLN A 20 7.92 -9.35 4.99
CA GLN A 20 7.30 -10.29 5.93
C GLN A 20 5.87 -9.92 6.28
N ASN A 21 5.56 -8.62 6.19
CA ASN A 21 4.23 -8.11 6.52
C ASN A 21 4.04 -8.35 8.03
N THR A 22 4.95 -7.77 8.81
CA THR A 22 4.90 -7.89 10.25
C THR A 22 4.25 -6.65 10.84
N THR A 23 3.84 -6.75 12.10
CA THR A 23 3.20 -5.69 12.85
C THR A 23 3.86 -4.31 12.82
N TRP A 24 5.11 -4.24 12.39
CA TRP A 24 5.84 -2.98 12.31
C TRP A 24 6.40 -2.77 10.90
N GLN A 25 6.82 -1.54 10.60
CA GLN A 25 7.37 -1.20 9.30
C GLN A 25 8.80 -0.74 9.48
N ALA A 26 9.71 -1.26 8.66
CA ALA A 26 11.13 -0.92 8.76
C ALA A 26 11.63 0.04 7.70
N GLY A 27 12.70 0.76 8.07
CA GLY A 27 13.34 1.74 7.20
C GLY A 27 14.76 1.94 7.70
N ARG A 28 15.51 2.87 7.12
CA ARG A 28 16.88 3.08 7.59
C ARG A 28 17.03 4.25 8.53
N ASN A 29 17.61 3.98 9.70
CA ASN A 29 17.82 5.02 10.70
C ASN A 29 19.26 5.51 10.78
N PHE A 30 20.22 4.66 10.41
CA PHE A 30 21.62 5.04 10.52
C PHE A 30 22.41 5.08 9.21
N TYR A 31 23.28 6.09 9.10
CA TYR A 31 24.17 6.27 7.95
C TYR A 31 25.56 6.55 8.50
N ASN A 32 26.59 6.07 7.81
CA ASN A 32 27.97 6.29 8.22
C ASN A 32 28.24 6.03 9.70
N VAL A 33 28.01 4.80 10.12
CA VAL A 33 28.25 4.45 11.51
C VAL A 33 29.09 3.20 11.62
N ASP A 34 30.04 3.23 12.54
CA ASP A 34 30.92 2.11 12.77
C ASP A 34 30.15 1.20 13.71
N ILE A 35 30.36 -0.10 13.60
CA ILE A 35 29.70 -1.05 14.48
C ILE A 35 29.79 -0.60 15.93
N SER A 36 30.99 -0.22 16.35
CA SER A 36 31.24 0.25 17.71
C SER A 36 30.17 1.23 18.21
N TYR A 37 29.66 2.05 17.29
CA TYR A 37 28.65 3.04 17.62
C TYR A 37 27.38 2.32 18.03
N LEU A 38 26.92 1.43 17.16
CA LEU A 38 25.71 0.66 17.41
C LEU A 38 25.84 -0.08 18.73
N LYS A 39 27.04 -0.58 19.01
CA LYS A 39 27.30 -1.27 20.25
C LYS A 39 27.15 -0.32 21.43
N LYS A 40 27.84 0.82 21.37
CA LYS A 40 27.74 1.80 22.44
C LYS A 40 26.31 2.31 22.64
N LEU A 41 25.51 2.33 21.58
CA LEU A 41 24.13 2.77 21.70
C LEU A 41 23.36 1.84 22.65
N CYS A 42 23.58 0.53 22.52
CA CYS A 42 22.95 -0.46 23.39
C CYS A 42 23.74 -0.47 24.71
N GLY A 43 23.62 0.60 25.50
CA GLY A 43 24.35 0.67 26.75
C GLY A 43 23.64 0.21 28.01
N THR A 44 23.48 -1.10 28.19
CA THR A 44 22.82 -1.64 29.37
C THR A 44 23.30 -3.05 29.60
N VAL A 45 23.87 -3.32 30.76
CA VAL A 45 24.28 -4.69 31.02
C VAL A 45 23.07 -5.32 31.71
N LEU A 46 22.50 -6.33 31.07
CA LEU A 46 21.33 -6.99 31.59
C LEU A 46 21.60 -8.00 32.68
N GLY A 47 20.52 -8.44 33.31
CA GLY A 47 20.61 -9.45 34.35
C GLY A 47 21.21 -9.03 35.65
N GLY A 48 21.33 -7.73 35.91
CA GLY A 48 21.90 -7.31 37.18
C GLY A 48 21.00 -7.65 38.35
N PRO A 49 21.53 -7.66 39.59
CA PRO A 49 20.74 -7.98 40.78
C PRO A 49 19.58 -6.99 40.94
N LYS A 50 18.37 -7.51 41.00
CA LYS A 50 17.19 -6.68 41.11
C LYS A 50 16.92 -6.09 42.48
N LEU A 51 16.09 -5.05 42.49
CA LEU A 51 15.72 -4.38 43.73
C LEU A 51 14.52 -5.08 44.36
N PRO A 52 14.22 -4.79 45.63
CA PRO A 52 13.06 -5.44 46.24
C PRO A 52 11.82 -5.13 45.42
N GLU A 53 11.00 -6.13 45.17
CA GLU A 53 9.80 -5.95 44.37
C GLU A 53 8.72 -5.17 45.09
N ARG A 54 7.98 -4.35 44.34
CA ARG A 54 6.90 -3.55 44.87
C ARG A 54 5.71 -4.42 45.25
N VAL A 55 5.04 -4.05 46.34
CA VAL A 55 3.89 -4.78 46.86
C VAL A 55 2.89 -5.30 45.81
N GLY A 56 2.57 -4.49 44.82
CA GLY A 56 1.61 -4.93 43.82
C GLY A 56 0.26 -4.39 44.25
N PHE A 57 -0.50 -3.83 43.31
CA PHE A 57 -1.79 -3.24 43.64
C PHE A 57 -2.72 -3.06 42.45
N SER A 58 -2.30 -3.55 41.28
CA SER A 58 -3.10 -3.42 40.05
C SER A 58 -4.56 -3.77 40.24
N GLU A 59 -4.81 -4.82 41.03
CA GLU A 59 -6.17 -5.31 41.31
C GLU A 59 -7.20 -4.23 41.65
N ASP A 60 -6.73 -3.11 42.20
CA ASP A 60 -7.63 -2.02 42.56
C ASP A 60 -7.82 -1.03 41.40
N ILE A 61 -6.73 -0.65 40.76
CA ILE A 61 -6.80 0.32 39.65
C ILE A 61 -7.54 -0.22 38.42
N ASN A 62 -8.55 0.53 37.98
CA ASN A 62 -9.33 0.17 36.80
C ASN A 62 -8.59 0.67 35.57
N LEU A 63 -7.67 -0.15 35.09
CA LEU A 63 -6.82 0.19 33.94
C LEU A 63 -7.54 0.35 32.61
N PRO A 64 -7.36 1.50 31.96
CA PRO A 64 -7.99 1.77 30.67
C PRO A 64 -7.34 0.91 29.59
N GLU A 65 -7.93 0.90 28.40
CA GLU A 65 -7.42 0.12 27.28
C GLU A 65 -6.14 0.73 26.76
N SER A 66 -6.10 2.05 26.74
CA SER A 66 -4.94 2.75 26.22
C SER A 66 -4.58 3.89 27.15
N PHE A 67 -3.28 4.15 27.30
CA PHE A 67 -2.82 5.23 28.15
C PHE A 67 -1.61 5.84 27.45
N ASP A 68 -1.35 7.10 27.75
CA ASP A 68 -0.23 7.82 27.17
C ASP A 68 0.08 8.91 28.15
N ALA A 69 1.09 8.65 28.98
CA ALA A 69 1.53 9.58 30.01
C ALA A 69 1.53 11.02 29.53
N ARG A 70 1.91 11.21 28.26
CA ARG A 70 1.98 12.53 27.67
C ARG A 70 0.65 13.29 27.71
N GLU A 71 -0.44 12.62 27.33
CA GLU A 71 -1.74 13.28 27.36
C GLU A 71 -2.19 13.48 28.80
N GLN A 72 -1.97 12.46 29.61
CA GLN A 72 -2.37 12.49 30.99
C GLN A 72 -1.75 13.63 31.81
N TRP A 73 -0.48 13.92 31.57
CA TRP A 73 0.18 14.99 32.32
C TRP A 73 0.83 15.98 31.38
N SER A 74 0.02 16.60 30.55
CA SER A 74 0.52 17.57 29.59
C SER A 74 1.32 18.70 30.24
N ASN A 75 0.98 19.00 31.50
CA ASN A 75 1.69 20.04 32.25
C ASN A 75 3.16 19.65 32.54
N CYS A 76 3.54 18.46 32.15
CA CYS A 76 4.90 17.97 32.34
C CYS A 76 5.57 17.75 30.97
N PRO A 77 6.26 18.78 30.47
CA PRO A 77 6.98 18.78 29.19
C PRO A 77 7.95 17.60 29.01
N THR A 78 8.72 17.32 30.04
CA THR A 78 9.66 16.21 30.02
C THR A 78 9.13 14.90 29.44
N ILE A 79 7.90 14.53 29.78
CA ILE A 79 7.28 13.29 29.30
C ILE A 79 7.24 13.17 27.77
N ALA A 80 7.74 14.16 27.04
CA ALA A 80 7.74 14.11 25.59
C ALA A 80 9.12 14.48 25.06
N GLN A 81 9.97 14.94 25.97
CA GLN A 81 11.33 15.31 25.61
C GLN A 81 12.03 14.02 25.16
N ILE A 82 12.96 14.13 24.22
CA ILE A 82 13.72 12.97 23.73
C ILE A 82 15.21 13.31 23.84
N ARG A 83 15.93 12.54 24.63
CA ARG A 83 17.35 12.81 24.80
C ARG A 83 18.26 12.09 23.81
N ASP A 84 19.56 12.34 23.91
CA ASP A 84 20.55 11.71 23.03
C ASP A 84 21.72 11.29 23.90
N GLN A 85 22.05 10.00 23.85
CA GLN A 85 23.12 9.42 24.65
C GLN A 85 24.46 9.50 23.95
N GLY A 86 24.44 9.91 22.69
CA GLY A 86 25.68 10.02 21.93
C GLY A 86 26.40 8.70 21.74
N SER A 87 27.72 8.74 21.69
CA SER A 87 28.55 7.56 21.48
C SER A 87 28.93 6.98 22.82
N CYS A 88 28.01 7.05 23.78
CA CYS A 88 28.28 6.55 25.11
C CYS A 88 27.26 5.46 25.47
N GLY A 89 27.73 4.41 26.13
CA GLY A 89 26.83 3.33 26.52
C GLY A 89 26.11 3.73 27.80
N SER A 90 25.49 4.89 27.76
CA SER A 90 24.80 5.44 28.91
C SER A 90 23.30 5.24 28.96
N SER A 91 22.71 4.48 28.02
CA SER A 91 21.26 4.32 28.07
C SER A 91 20.76 3.92 29.46
N TRP A 92 21.53 3.08 30.16
CA TRP A 92 21.17 2.65 31.49
C TRP A 92 20.90 3.89 32.34
N ALA A 93 21.67 4.93 32.11
CA ALA A 93 21.51 6.18 32.84
C ALA A 93 20.33 6.99 32.33
N PHE A 94 20.23 7.14 31.02
CA PHE A 94 19.16 7.93 30.43
C PHE A 94 17.77 7.45 30.77
N GLY A 95 17.53 6.16 30.66
CA GLY A 95 16.21 5.63 30.96
C GLY A 95 15.81 5.98 32.37
N ALA A 96 16.80 6.04 33.26
CA ALA A 96 16.57 6.37 34.64
C ALA A 96 16.19 7.84 34.81
N VAL A 97 17.13 8.74 34.58
CA VAL A 97 16.86 10.18 34.73
C VAL A 97 15.65 10.68 33.92
N GLU A 98 15.34 10.02 32.81
CA GLU A 98 14.19 10.42 32.00
C GLU A 98 12.92 10.18 32.84
N ALA A 99 12.81 8.97 33.38
CA ALA A 99 11.68 8.58 34.21
C ALA A 99 11.62 9.46 35.43
N MET A 100 12.77 9.69 36.06
CA MET A 100 12.84 10.54 37.26
C MET A 100 12.28 11.94 37.02
N SER A 101 12.74 12.61 35.96
CA SER A 101 12.27 13.95 35.65
C SER A 101 10.75 13.95 35.55
N ASP A 102 10.21 12.99 34.79
CA ASP A 102 8.76 12.83 34.61
C ASP A 102 8.03 12.78 35.94
N ARG A 103 8.45 11.89 36.82
CA ARG A 103 7.79 11.72 38.11
C ARG A 103 7.87 12.97 39.00
N ILE A 104 9.02 13.61 39.09
CA ILE A 104 9.14 14.81 39.93
C ILE A 104 8.02 15.79 39.60
N CYS A 105 7.71 15.92 38.31
CA CYS A 105 6.65 16.81 37.88
C CYS A 105 5.30 16.24 38.30
N ILE A 106 4.99 15.04 37.80
CA ILE A 106 3.75 14.35 38.08
C ILE A 106 3.40 14.36 39.55
N HIS A 107 4.36 13.97 40.38
CA HIS A 107 4.15 13.90 41.84
C HIS A 107 4.07 15.21 42.60
N THR A 108 4.17 16.33 41.89
CA THR A 108 4.08 17.65 42.51
C THR A 108 3.07 18.46 41.70
N ASN A 109 2.19 17.75 41.00
CA ASN A 109 1.17 18.37 40.18
C ASN A 109 1.67 19.48 39.27
N GLY A 110 2.86 19.27 38.72
CA GLY A 110 3.43 20.25 37.81
C GLY A 110 3.91 21.55 38.42
N ARG A 111 4.16 21.53 39.73
CA ARG A 111 4.62 22.73 40.41
C ARG A 111 6.13 22.70 40.40
N VAL A 112 6.69 21.50 40.33
CA VAL A 112 8.14 21.33 40.30
C VAL A 112 8.49 20.62 39.00
N ASN A 113 9.27 21.28 38.16
CA ASN A 113 9.64 20.70 36.87
C ASN A 113 11.13 20.90 36.57
N VAL A 114 11.93 19.84 36.70
CA VAL A 114 13.36 19.93 36.44
C VAL A 114 13.82 18.80 35.54
N GLU A 115 14.99 18.95 34.95
CA GLU A 115 15.55 17.92 34.09
C GLU A 115 16.67 17.33 34.89
N VAL A 116 16.50 16.09 35.36
CA VAL A 116 17.54 15.43 36.14
C VAL A 116 18.72 15.19 35.20
N SER A 117 19.92 15.44 35.71
CA SER A 117 21.17 15.33 34.96
C SER A 117 21.58 13.92 34.57
N ALA A 118 21.75 13.67 33.28
CA ALA A 118 22.18 12.35 32.85
C ALA A 118 23.65 12.29 33.15
N GLU A 119 24.28 13.46 33.06
CA GLU A 119 25.70 13.62 33.30
C GLU A 119 26.10 13.14 34.69
N ASP A 120 25.52 13.76 35.71
CA ASP A 120 25.79 13.44 37.12
C ASP A 120 25.74 11.94 37.40
N LEU A 121 24.71 11.27 36.90
CA LEU A 121 24.56 9.82 37.09
C LEU A 121 25.64 9.03 36.33
N LEU A 122 25.88 9.42 35.09
CA LEU A 122 26.87 8.75 34.28
C LEU A 122 28.29 8.87 34.82
N THR A 123 28.61 9.96 35.49
CA THR A 123 29.97 10.16 35.98
C THR A 123 30.22 9.93 37.47
N CYS A 124 29.24 10.28 38.29
CA CYS A 124 29.38 10.18 39.73
C CYS A 124 28.93 8.91 40.46
N CYS A 125 28.13 8.08 39.82
CA CYS A 125 27.67 6.88 40.48
C CYS A 125 28.81 5.94 40.85
N GLY A 126 29.85 5.93 40.02
CA GLY A 126 30.99 5.07 40.28
C GLY A 126 30.75 3.62 39.91
N ILE A 127 31.31 2.71 40.70
CA ILE A 127 31.16 1.29 40.45
C ILE A 127 29.77 0.76 40.81
N GLN A 128 29.07 1.44 41.70
CA GLN A 128 27.74 1.01 42.12
C GLN A 128 26.80 0.80 40.94
N CYS A 129 26.97 1.58 39.87
CA CYS A 129 26.13 1.47 38.69
C CYS A 129 26.74 0.62 37.59
N GLY A 130 28.06 0.64 37.47
CA GLY A 130 28.73 -0.13 36.45
C GLY A 130 29.95 0.57 35.87
N ASP A 131 30.05 0.58 34.55
CA ASP A 131 31.19 1.21 33.92
C ASP A 131 30.81 2.32 32.97
N GLY A 132 30.19 3.36 33.52
CA GLY A 132 29.78 4.53 32.75
C GLY A 132 29.38 4.31 31.31
N CYS A 133 30.19 4.83 30.39
CA CYS A 133 29.94 4.71 28.96
C CYS A 133 30.08 3.30 28.39
N ASN A 134 30.55 2.37 29.18
CA ASN A 134 30.72 0.99 28.74
C ASN A 134 29.51 0.13 29.10
N GLY A 135 28.46 0.76 29.62
CA GLY A 135 27.26 0.05 30.00
C GLY A 135 27.16 -0.08 31.51
N GLY A 136 25.95 0.06 32.04
CA GLY A 136 25.73 -0.04 33.48
C GLY A 136 24.45 -0.77 33.82
N TYR A 137 24.08 -0.74 35.10
CA TYR A 137 22.88 -1.39 35.57
C TYR A 137 21.84 -0.38 36.01
N PRO A 138 20.65 -0.40 35.38
CA PRO A 138 19.55 0.52 35.72
C PRO A 138 19.20 0.48 37.20
N SER A 139 19.32 -0.69 37.82
CA SER A 139 19.03 -0.86 39.25
C SER A 139 19.84 0.13 40.06
N GLY A 140 21.16 0.04 39.93
CA GLY A 140 22.05 0.92 40.66
C GLY A 140 21.72 2.39 40.50
N ALA A 141 21.42 2.83 39.27
CA ALA A 141 21.09 4.22 39.01
C ALA A 141 20.01 4.68 39.95
N TRP A 142 18.92 3.93 40.03
CA TRP A 142 17.82 4.27 40.91
C TRP A 142 18.23 4.22 42.37
N ASN A 143 18.98 3.20 42.74
CA ASN A 143 19.40 3.07 44.11
C ASN A 143 20.33 4.20 44.50
N PHE A 144 20.95 4.83 43.49
CA PHE A 144 21.86 5.95 43.71
C PHE A 144 21.04 7.21 43.96
N TRP A 145 20.03 7.42 43.11
CA TRP A 145 19.14 8.57 43.21
C TRP A 145 18.64 8.71 44.63
N THR A 146 18.50 7.58 45.31
CA THR A 146 18.04 7.57 46.68
C THR A 146 19.14 8.01 47.63
N ARG A 147 20.27 7.31 47.56
CA ARG A 147 21.38 7.59 48.46
C ARG A 147 22.07 8.92 48.33
N LYS A 148 22.49 9.26 47.13
CA LYS A 148 23.20 10.52 46.95
C LYS A 148 22.44 11.54 46.13
N GLY A 149 21.39 11.10 45.44
CA GLY A 149 20.61 12.00 44.62
C GLY A 149 21.39 12.45 43.40
N LEU A 150 20.74 13.20 42.52
CA LEU A 150 21.37 13.70 41.30
C LEU A 150 20.91 15.15 41.12
N VAL A 151 21.77 16.00 40.60
CA VAL A 151 21.42 17.40 40.34
C VAL A 151 20.72 17.49 38.99
N SER A 152 20.29 18.69 38.63
CA SER A 152 19.63 18.93 37.36
C SER A 152 20.70 18.95 36.27
N GLY A 153 20.28 19.01 35.02
CA GLY A 153 21.21 19.04 33.90
C GLY A 153 20.51 18.80 32.59
N GLY A 154 20.59 19.77 31.69
CA GLY A 154 19.94 19.65 30.39
C GLY A 154 20.71 18.82 29.38
N VAL A 155 20.41 19.01 28.10
CA VAL A 155 21.05 18.27 27.03
C VAL A 155 22.38 18.93 26.65
N TYR A 156 23.15 18.28 25.76
CA TYR A 156 24.45 18.78 25.30
C TYR A 156 24.43 20.22 24.81
N ASN A 157 25.27 21.04 25.42
CA ASN A 157 25.38 22.46 25.08
C ASN A 157 24.08 23.24 25.29
N SER A 158 23.18 22.71 26.11
CA SER A 158 21.92 23.39 26.36
C SER A 158 22.11 24.51 27.38
N HIS A 159 23.15 24.39 28.19
CA HIS A 159 23.42 25.37 29.24
C HIS A 159 22.23 25.42 30.18
N ILE A 160 21.47 24.33 30.21
CA ILE A 160 20.31 24.22 31.07
C ILE A 160 20.71 23.43 32.30
N GLY A 161 20.44 24.01 33.46
CA GLY A 161 20.74 23.34 34.71
C GLY A 161 22.20 23.24 35.10
N CYS A 162 22.41 22.57 36.23
CA CYS A 162 23.72 22.40 36.81
C CYS A 162 24.76 21.61 36.05
N LEU A 163 24.37 20.49 35.43
CA LEU A 163 25.31 19.64 34.71
C LEU A 163 24.80 19.04 33.40
N PRO A 164 24.73 19.84 32.33
CA PRO A 164 24.26 19.32 31.04
C PRO A 164 25.14 18.18 30.56
N TYR A 165 24.61 17.33 29.68
CA TYR A 165 25.36 16.19 29.15
C TYR A 165 26.56 16.75 28.41
N THR A 166 27.71 16.13 28.61
CA THR A 166 28.94 16.61 27.99
C THR A 166 29.34 15.82 26.76
N ILE A 167 28.77 14.64 26.59
CA ILE A 167 29.10 13.82 25.44
C ILE A 167 28.29 14.35 24.26
N PRO A 168 28.99 14.77 23.20
CA PRO A 168 28.37 15.33 22.00
C PRO A 168 27.60 14.35 21.14
N PRO A 169 26.54 14.85 20.48
CA PRO A 169 25.66 14.10 19.60
C PRO A 169 26.42 13.65 18.37
N CYS A 170 25.79 12.79 17.59
CA CYS A 170 26.39 12.32 16.35
C CYS A 170 25.21 12.21 15.40
N GLU A 171 25.23 13.05 14.37
CA GLU A 171 24.16 13.10 13.38
C GLU A 171 24.10 11.84 12.51
N HIS A 172 23.87 10.70 13.14
CA HIS A 172 23.78 9.41 12.45
C HIS A 172 22.57 9.28 11.51
N HIS A 173 21.74 10.31 11.47
CA HIS A 173 20.55 10.29 10.63
C HIS A 173 20.70 11.06 9.33
N VAL A 174 21.78 11.85 9.23
CA VAL A 174 22.03 12.64 8.03
C VAL A 174 23.02 11.86 7.17
N ASN A 175 23.67 12.56 6.25
CA ASN A 175 24.64 11.93 5.38
C ASN A 175 25.46 13.02 4.68
N GLY A 176 26.76 13.06 4.95
CA GLY A 176 27.59 14.08 4.34
C GLY A 176 29.01 14.07 4.87
N ALA A 177 29.22 14.74 6.01
CA ALA A 177 30.53 14.78 6.64
C ALA A 177 30.92 13.34 6.95
N ARG A 178 31.81 12.80 6.13
CA ARG A 178 32.26 11.42 6.22
C ARG A 178 32.71 10.80 7.56
N PRO A 179 33.40 11.55 8.46
CA PRO A 179 33.82 10.93 9.73
C PRO A 179 32.69 10.11 10.33
N PRO A 180 32.70 8.79 10.08
CA PRO A 180 31.66 7.91 10.59
C PRO A 180 31.58 7.91 12.10
N CYS A 181 30.36 7.92 12.63
CA CYS A 181 30.17 7.90 14.07
C CYS A 181 30.82 6.62 14.58
N THR A 182 31.52 6.71 15.70
CA THR A 182 32.17 5.53 16.24
C THR A 182 32.12 5.56 17.77
N GLY A 183 31.57 4.51 18.35
CA GLY A 183 31.44 4.41 19.79
C GLY A 183 32.78 4.43 20.48
N GLU A 184 33.22 5.63 20.84
CA GLU A 184 34.49 5.80 21.51
C GLU A 184 34.29 6.73 22.70
N GLY A 185 35.35 7.42 23.11
CA GLY A 185 35.27 8.30 24.25
C GLY A 185 35.29 7.51 25.52
N ASP A 186 35.57 8.20 26.63
CA ASP A 186 35.63 7.57 27.93
C ASP A 186 34.71 8.31 28.87
N THR A 187 34.32 7.64 29.93
CA THR A 187 33.45 8.25 30.90
C THR A 187 34.18 9.41 31.59
N PRO A 188 33.65 10.62 31.45
CA PRO A 188 34.29 11.76 32.09
C PRO A 188 34.38 11.62 33.62
N LYS A 189 35.30 12.36 34.20
CA LYS A 189 35.57 12.35 35.64
C LYS A 189 34.40 13.02 36.36
N CYS A 190 34.01 12.47 37.50
CA CYS A 190 32.87 13.05 38.24
C CYS A 190 33.25 14.39 38.83
N ASN A 191 33.08 15.45 38.06
CA ASN A 191 33.42 16.79 38.53
C ASN A 191 32.24 17.38 39.30
N LYS A 192 32.16 17.08 40.60
CA LYS A 192 31.07 17.58 41.43
C LYS A 192 31.16 19.09 41.51
N MET A 193 30.68 19.75 40.46
CA MET A 193 30.70 21.20 40.39
C MET A 193 29.82 21.67 39.23
N CYS A 194 28.81 22.47 39.57
CA CYS A 194 27.89 22.99 38.56
C CYS A 194 28.60 23.86 37.55
N GLU A 195 28.15 23.79 36.31
CA GLU A 195 28.71 24.57 35.23
C GLU A 195 28.67 26.05 35.60
N ALA A 196 29.79 26.74 35.39
CA ALA A 196 29.90 28.16 35.70
C ALA A 196 28.73 28.92 35.08
N GLY A 197 28.00 29.64 35.91
CA GLY A 197 26.84 30.37 35.42
C GLY A 197 25.59 29.91 36.14
N TYR A 198 25.62 28.69 36.66
CA TYR A 198 24.48 28.16 37.39
C TYR A 198 24.57 28.70 38.81
N SER A 199 23.55 29.43 39.23
CA SER A 199 23.51 30.06 40.53
C SER A 199 23.15 29.20 41.76
N THR A 200 23.85 28.08 41.97
CA THR A 200 23.57 27.26 43.15
C THR A 200 24.47 26.03 43.25
N SER A 201 25.04 25.83 44.43
CA SER A 201 25.95 24.72 44.69
C SER A 201 25.43 23.34 44.34
N TYR A 202 26.26 22.57 43.64
CA TYR A 202 25.96 21.20 43.22
C TYR A 202 25.33 20.48 44.38
N LYS A 203 26.00 20.49 45.52
CA LYS A 203 25.49 19.81 46.70
C LYS A 203 24.05 20.26 47.02
N GLU A 204 23.78 21.55 46.83
CA GLU A 204 22.45 22.11 47.10
C GLU A 204 21.49 22.06 45.93
N ASP A 205 21.81 21.23 44.94
CA ASP A 205 20.94 21.09 43.78
C ASP A 205 20.41 19.65 43.69
N LYS A 206 21.07 18.75 44.41
CA LYS A 206 20.70 17.34 44.41
C LYS A 206 19.22 17.12 44.66
N HIS A 207 18.60 16.33 43.78
CA HIS A 207 17.21 15.95 43.86
C HIS A 207 17.22 14.49 44.28
N TYR A 208 16.53 14.17 45.36
CA TYR A 208 16.49 12.80 45.87
C TYR A 208 15.15 12.10 45.65
N GLY A 209 15.16 10.79 45.89
CA GLY A 209 13.95 9.99 45.77
C GLY A 209 13.78 9.24 47.07
N TYR A 210 12.55 8.94 47.48
CA TYR A 210 12.31 8.21 48.75
C TYR A 210 12.85 6.78 48.67
N THR A 211 12.53 6.07 47.58
CA THR A 211 12.96 4.68 47.40
C THR A 211 12.76 4.15 45.97
N SER A 212 13.61 3.22 45.55
CA SER A 212 13.48 2.67 44.21
C SER A 212 13.04 1.21 44.33
N TYR A 213 12.31 0.70 43.34
CA TYR A 213 11.83 -0.65 43.41
C TYR A 213 11.66 -1.35 42.08
N SER A 214 11.49 -2.66 42.19
CA SER A 214 11.28 -3.51 41.04
C SER A 214 9.78 -3.58 40.85
N VAL A 215 9.35 -3.82 39.62
CA VAL A 215 7.94 -3.97 39.35
C VAL A 215 7.88 -5.38 38.78
N SER A 216 6.97 -6.21 39.29
CA SER A 216 6.89 -7.57 38.79
C SER A 216 6.72 -7.60 37.28
N ASP A 217 6.99 -8.75 36.68
CA ASP A 217 6.86 -8.88 35.25
C ASP A 217 5.41 -9.19 34.90
N SER A 218 4.50 -8.59 35.65
CA SER A 218 3.08 -8.81 35.42
C SER A 218 2.52 -7.69 34.57
N GLU A 219 2.12 -8.00 33.33
CA GLU A 219 1.57 -6.99 32.42
C GLU A 219 0.66 -5.97 33.10
N LYS A 220 -0.29 -6.47 33.89
CA LYS A 220 -1.24 -5.62 34.57
C LYS A 220 -0.60 -4.79 35.67
N GLU A 221 0.38 -5.36 36.36
CA GLU A 221 1.07 -4.63 37.42
C GLU A 221 1.89 -3.46 36.91
N ILE A 222 2.62 -3.66 35.83
CA ILE A 222 3.42 -2.62 35.19
C ILE A 222 2.47 -1.50 34.79
N MET A 223 1.34 -1.90 34.21
CA MET A 223 0.32 -0.95 33.77
C MET A 223 -0.17 -0.07 34.91
N ALA A 224 -0.48 -0.68 36.05
CA ALA A 224 -0.95 0.06 37.21
C ALA A 224 0.14 1.04 37.70
N GLU A 225 1.39 0.57 37.76
CA GLU A 225 2.52 1.39 38.19
C GLU A 225 2.68 2.64 37.34
N ILE A 226 2.53 2.50 36.03
CA ILE A 226 2.67 3.63 35.13
C ILE A 226 1.51 4.61 35.28
N TYR A 227 0.31 4.06 35.31
CA TYR A 227 -0.93 4.82 35.41
C TYR A 227 -1.04 5.58 36.71
N LYS A 228 -0.55 4.98 37.78
CA LYS A 228 -0.65 5.60 39.08
C LYS A 228 0.55 6.43 39.43
N ASN A 229 1.74 5.87 39.28
CA ASN A 229 2.92 6.63 39.64
C ASN A 229 3.72 7.27 38.55
N GLY A 230 3.51 6.85 37.31
CA GLY A 230 4.21 7.46 36.19
C GLY A 230 5.11 6.58 35.36
N PRO A 231 5.77 7.16 34.33
CA PRO A 231 6.68 6.42 33.44
C PRO A 231 7.79 5.68 34.23
N VAL A 232 8.19 4.51 33.72
CA VAL A 232 9.20 3.68 34.39
C VAL A 232 10.33 3.25 33.47
N GLU A 233 11.47 2.91 34.05
CA GLU A 233 12.60 2.47 33.23
C GLU A 233 12.49 0.97 33.04
N GLY A 234 13.03 0.49 31.93
CA GLY A 234 13.02 -0.93 31.63
C GLY A 234 14.02 -1.23 30.54
N ALA A 235 14.57 -2.43 30.53
CA ALA A 235 15.56 -2.79 29.53
C ALA A 235 15.10 -4.01 28.74
N PHE A 236 15.73 -4.21 27.58
CA PHE A 236 15.41 -5.33 26.72
C PHE A 236 16.60 -5.71 25.87
N THR A 237 16.46 -6.83 25.17
CA THR A 237 17.47 -7.33 24.27
C THR A 237 17.29 -6.65 22.93
N VAL A 238 18.39 -6.16 22.36
CA VAL A 238 18.33 -5.51 21.07
C VAL A 238 18.78 -6.47 20.00
N PHE A 239 18.04 -6.52 18.90
CA PHE A 239 18.38 -7.36 17.78
C PHE A 239 18.59 -6.42 16.60
N SER A 240 19.47 -6.80 15.68
CA SER A 240 19.79 -5.97 14.52
C SER A 240 18.62 -5.19 13.96
N ASP A 241 17.59 -5.92 13.53
CA ASP A 241 16.42 -5.31 12.91
C ASP A 241 15.73 -4.19 13.71
N PHE A 242 15.83 -4.23 15.03
CA PHE A 242 15.21 -3.18 15.83
C PHE A 242 15.76 -1.86 15.34
N LEU A 243 17.05 -1.84 15.04
CA LEU A 243 17.73 -0.64 14.57
C LEU A 243 17.03 0.04 13.39
N THR A 244 16.24 -0.71 12.62
CA THR A 244 15.55 -0.16 11.47
C THR A 244 14.08 0.20 11.73
N TYR A 245 13.65 0.14 12.97
CA TYR A 245 12.27 0.45 13.28
C TYR A 245 11.86 1.80 12.71
N LYS A 246 10.69 1.83 12.08
CA LYS A 246 10.16 3.06 11.53
C LYS A 246 8.76 3.38 12.08
N SER A 247 7.93 2.36 12.25
CA SER A 247 6.59 2.54 12.80
C SER A 247 6.00 1.16 13.09
N GLY A 248 4.78 1.12 13.59
CA GLY A 248 4.14 -0.17 13.88
C GLY A 248 4.50 -0.70 15.25
N VAL A 249 4.24 -2.00 15.46
CA VAL A 249 4.53 -2.68 16.72
C VAL A 249 5.74 -3.61 16.56
N TYR A 250 6.90 -3.20 17.07
CA TYR A 250 8.10 -4.00 16.95
C TYR A 250 7.93 -5.39 17.52
N LYS A 251 8.21 -6.37 16.67
CA LYS A 251 8.09 -7.77 17.00
C LYS A 251 9.28 -8.40 16.28
N HIS A 252 10.39 -8.56 17.00
CA HIS A 252 11.62 -9.14 16.44
C HIS A 252 11.33 -10.11 15.29
N GLU A 253 11.75 -9.72 14.09
CA GLU A 253 11.53 -10.51 12.90
C GLU A 253 12.80 -11.14 12.33
N ALA A 254 13.94 -10.47 12.47
CA ALA A 254 15.20 -10.99 11.94
C ALA A 254 16.43 -10.32 12.54
N GLY A 255 17.61 -10.81 12.17
CA GLY A 255 18.84 -10.23 12.67
C GLY A 255 19.32 -10.90 13.94
N ASP A 256 20.60 -10.73 14.24
CA ASP A 256 21.22 -11.34 15.41
C ASP A 256 21.10 -10.42 16.63
N VAL A 257 21.70 -10.84 17.73
CA VAL A 257 21.67 -10.12 19.01
C VAL A 257 22.72 -9.03 19.06
N MET A 258 22.31 -7.81 19.38
CA MET A 258 23.23 -6.68 19.50
C MET A 258 23.75 -6.60 20.93
N GLY A 259 22.84 -6.37 21.87
CA GLY A 259 23.18 -6.26 23.28
C GLY A 259 21.94 -5.79 24.02
N GLY A 260 22.07 -5.52 25.33
CA GLY A 260 20.95 -5.04 26.11
C GLY A 260 20.71 -3.55 25.88
N HIS A 261 19.59 -3.04 26.35
CA HIS A 261 19.29 -1.63 26.17
C HIS A 261 18.12 -1.24 27.09
N ALA A 262 18.31 -0.17 27.85
CA ALA A 262 17.28 0.33 28.73
C ALA A 262 16.52 1.45 28.02
N ILE A 263 15.31 1.74 28.50
CA ILE A 263 14.43 2.75 27.94
C ILE A 263 13.38 3.18 28.97
N ARG A 264 12.53 4.11 28.56
CA ARG A 264 11.49 4.64 29.42
C ARG A 264 10.15 4.27 28.85
N ILE A 265 9.41 3.42 29.56
CA ILE A 265 8.10 2.99 29.13
C ILE A 265 7.16 4.05 29.67
N LEU A 266 6.31 4.62 28.82
CA LEU A 266 5.40 5.69 29.25
C LEU A 266 3.97 5.57 28.75
N GLY A 267 3.49 4.35 28.52
CA GLY A 267 2.13 4.19 28.05
C GLY A 267 1.94 2.86 27.36
N TRP A 268 0.71 2.59 26.95
CA TRP A 268 0.39 1.33 26.28
C TRP A 268 -0.81 1.58 25.39
N GLY A 269 -1.29 0.52 24.76
CA GLY A 269 -2.44 0.64 23.90
C GLY A 269 -2.55 -0.58 23.01
N ILE A 270 -3.44 -0.51 22.04
CA ILE A 270 -3.64 -1.60 21.12
C ILE A 270 -3.66 -0.98 19.76
N GLU A 271 -2.85 -1.51 18.84
CA GLU A 271 -2.83 -0.97 17.49
C GLU A 271 -2.94 -2.11 16.51
N ASN A 272 -4.00 -2.09 15.71
CA ASN A 272 -4.18 -3.11 14.68
C ASN A 272 -4.27 -4.50 15.35
N GLY A 273 -4.94 -4.52 16.50
CA GLY A 273 -5.11 -5.77 17.23
C GLY A 273 -3.95 -6.13 18.16
N VAL A 274 -2.73 -5.78 17.77
CA VAL A 274 -1.54 -6.08 18.56
C VAL A 274 -1.40 -5.15 19.76
N PRO A 275 -1.26 -5.73 20.95
CA PRO A 275 -1.12 -4.90 22.15
C PRO A 275 0.31 -4.38 22.10
N TYR A 276 0.56 -3.16 22.57
CA TYR A 276 1.91 -2.61 22.51
C TYR A 276 2.25 -1.66 23.64
N TRP A 277 3.54 -1.59 23.96
CA TRP A 277 4.03 -0.67 24.98
C TRP A 277 4.51 0.58 24.24
N LEU A 278 4.18 1.76 24.74
CA LEU A 278 4.63 3.00 24.13
C LEU A 278 5.97 3.27 24.76
N VAL A 279 7.04 3.22 23.97
CA VAL A 279 8.39 3.42 24.51
C VAL A 279 9.16 4.60 23.94
N ALA A 280 9.93 5.26 24.79
CA ALA A 280 10.75 6.40 24.35
C ALA A 280 12.20 5.95 24.35
N ASN A 281 12.85 6.03 23.19
CA ASN A 281 14.24 5.65 23.02
C ASN A 281 15.09 6.91 23.15
N SER A 282 16.36 6.75 23.48
CA SER A 282 17.26 7.88 23.62
C SER A 282 18.31 7.89 22.51
N TRP A 283 17.86 7.69 21.27
CA TRP A 283 18.77 7.69 20.13
C TRP A 283 18.52 8.90 19.25
N ASN A 284 18.23 10.03 19.90
CA ASN A 284 17.96 11.29 19.21
C ASN A 284 16.56 11.31 18.60
N ALA A 285 15.93 12.47 18.69
CA ALA A 285 14.56 12.70 18.21
C ALA A 285 14.23 12.28 16.80
N ASP A 286 15.25 11.99 15.99
CA ASP A 286 15.02 11.59 14.61
C ASP A 286 14.94 10.09 14.37
N TRP A 287 15.19 9.30 15.40
CA TRP A 287 15.14 7.84 15.26
C TRP A 287 13.72 7.32 15.40
N GLY A 288 13.35 6.37 14.54
CA GLY A 288 12.02 5.79 14.58
C GLY A 288 10.89 6.79 14.49
N ASP A 289 9.83 6.56 15.27
CA ASP A 289 8.67 7.44 15.28
C ASP A 289 8.96 8.63 16.19
N ASN A 290 9.66 9.62 15.64
CA ASN A 290 10.03 10.83 16.37
C ASN A 290 10.79 10.66 17.67
N GLY A 291 11.42 9.51 17.83
CA GLY A 291 12.17 9.24 19.04
C GLY A 291 11.55 8.10 19.82
N PHE A 292 10.25 7.90 19.62
CA PHE A 292 9.52 6.85 20.30
C PHE A 292 9.37 5.63 19.40
N PHE A 293 8.89 4.54 19.98
CA PHE A 293 8.66 3.31 19.22
C PHE A 293 7.71 2.43 20.04
N LYS A 294 6.98 1.53 19.39
CA LYS A 294 6.07 0.65 20.10
C LYS A 294 6.60 -0.78 20.02
N ILE A 295 6.46 -1.53 21.10
CA ILE A 295 6.95 -2.92 21.12
C ILE A 295 5.81 -3.82 21.55
N LEU A 296 5.88 -5.08 21.14
CA LEU A 296 4.85 -6.07 21.45
C LEU A 296 4.60 -6.14 22.94
N ARG A 297 3.35 -5.97 23.34
CA ARG A 297 3.00 -6.01 24.75
C ARG A 297 2.41 -7.33 25.16
N GLY A 298 2.67 -7.76 26.39
CA GLY A 298 2.11 -9.01 26.86
C GLY A 298 3.00 -10.21 27.00
N GLU A 299 3.37 -10.82 25.89
CA GLU A 299 4.20 -12.02 25.94
C GLU A 299 5.69 -11.81 26.23
N ASN A 300 6.01 -10.94 27.19
CA ASN A 300 7.40 -10.66 27.57
C ASN A 300 8.38 -10.75 26.39
N HIS A 301 8.11 -9.97 25.35
CA HIS A 301 8.95 -9.95 24.16
C HIS A 301 10.29 -9.31 24.42
N CYS A 302 11.36 -10.00 24.05
CA CYS A 302 12.72 -9.51 24.23
C CYS A 302 13.03 -9.14 25.66
N GLY A 303 12.17 -9.56 26.59
CA GLY A 303 12.39 -9.28 27.99
C GLY A 303 11.97 -7.89 28.41
N ILE A 304 11.21 -7.21 27.58
CA ILE A 304 10.74 -5.86 27.86
C ILE A 304 10.01 -5.76 29.21
N GLU A 305 9.46 -6.87 29.69
CA GLU A 305 8.73 -6.87 30.94
C GLU A 305 9.50 -7.48 32.12
N SER A 306 10.75 -7.88 31.85
CA SER A 306 11.60 -8.50 32.85
C SER A 306 12.25 -7.62 33.90
N GLU A 307 12.81 -6.47 33.50
CA GLU A 307 13.50 -5.58 34.43
C GLU A 307 12.92 -4.17 34.62
N ILE A 308 11.70 -4.09 35.12
CA ILE A 308 11.07 -2.80 35.33
C ILE A 308 11.51 -2.14 36.65
N VAL A 309 12.09 -0.95 36.55
CA VAL A 309 12.52 -0.23 37.73
C VAL A 309 11.76 1.08 37.80
N ALA A 310 11.60 1.62 39.01
CA ALA A 310 10.90 2.86 39.21
C ALA A 310 11.15 3.40 40.61
N GLY A 311 10.64 4.60 40.89
CA GLY A 311 10.83 5.19 42.20
C GLY A 311 9.89 6.36 42.43
N ILE A 312 9.83 6.83 43.67
CA ILE A 312 8.98 7.94 44.00
C ILE A 312 9.87 9.08 44.48
N PRO A 313 9.83 10.22 43.79
CA PRO A 313 10.63 11.39 44.15
C PRO A 313 10.27 11.92 45.54
N ARG A 314 11.29 12.18 46.34
CA ARG A 314 11.07 12.71 47.67
C ARG A 314 10.60 14.15 47.47
N THR A 315 9.29 14.36 47.60
CA THR A 315 8.66 15.65 47.41
C THR A 315 9.05 16.71 48.45
N GLN A 316 9.33 16.28 49.67
CA GLN A 316 9.70 17.18 50.76
C GLN A 316 10.52 18.43 50.47
N GLN A 317 11.73 18.26 49.97
CA GLN A 317 12.58 19.41 49.73
C GLN A 317 12.07 20.54 48.81
N TYR A 318 10.90 20.35 48.19
CA TYR A 318 10.38 21.38 47.31
C TYR A 318 9.39 22.34 47.95
N TRP A 319 8.68 21.88 48.98
CA TRP A 319 7.68 22.72 49.64
C TRP A 319 8.08 24.14 50.01
N GLY A 320 9.03 24.29 50.92
CA GLY A 320 9.44 25.62 51.31
C GLY A 320 9.94 26.50 50.18
N ARG A 321 10.29 25.90 49.05
CA ARG A 321 10.81 26.65 47.93
C ARG A 321 9.81 26.89 46.80
N PHE A 322 8.83 26.01 46.69
CA PHE A 322 7.83 26.14 45.63
C PHE A 322 6.42 26.33 46.18
N SER B 10 -18.62 -13.70 -5.02
CA SER B 10 -18.27 -14.00 -3.61
C SER B 10 -16.92 -13.35 -3.26
N ASP B 11 -16.98 -12.31 -2.44
CA ASP B 11 -15.82 -11.54 -2.01
C ASP B 11 -14.57 -12.34 -1.70
N ASP B 12 -14.74 -13.56 -1.20
CA ASP B 12 -13.61 -14.41 -0.85
C ASP B 12 -12.55 -14.44 -1.95
N MET B 13 -12.98 -14.60 -3.19
CA MET B 13 -12.06 -14.65 -4.31
C MET B 13 -11.35 -13.32 -4.50
N ILE B 14 -12.12 -12.24 -4.53
CA ILE B 14 -11.55 -10.91 -4.70
C ILE B 14 -10.36 -10.71 -3.77
N ASN B 15 -10.50 -11.14 -2.53
CA ASN B 15 -9.42 -11.03 -1.56
C ASN B 15 -8.26 -11.97 -1.86
N TYR B 16 -8.54 -13.23 -2.15
CA TYR B 16 -7.50 -14.20 -2.47
C TYR B 16 -6.63 -13.64 -3.60
N ILE B 17 -7.28 -13.07 -4.61
CA ILE B 17 -6.59 -12.51 -5.75
C ILE B 17 -5.66 -11.39 -5.32
N ASN B 18 -6.19 -10.42 -4.56
CA ASN B 18 -5.39 -9.30 -4.09
C ASN B 18 -4.24 -9.78 -3.22
N LYS B 19 -4.51 -10.77 -2.37
CA LYS B 19 -3.50 -11.31 -1.46
C LYS B 19 -2.37 -12.00 -2.21
N GLN B 20 -2.64 -12.40 -3.44
CA GLN B 20 -1.63 -13.08 -4.25
C GLN B 20 -0.52 -12.13 -4.69
N ASN B 21 -0.85 -10.84 -4.79
CA ASN B 21 0.12 -9.84 -5.22
C ASN B 21 0.46 -10.14 -6.70
N THR B 22 -0.58 -10.16 -7.52
CA THR B 22 -0.44 -10.43 -8.94
C THR B 22 -0.42 -9.12 -9.69
N THR B 23 0.03 -9.19 -10.93
CA THR B 23 0.13 -8.06 -11.84
C THR B 23 -1.08 -7.16 -11.97
N TRP B 24 -2.25 -7.62 -11.51
CA TRP B 24 -3.47 -6.83 -11.58
C TRP B 24 -4.10 -6.70 -10.21
N GLN B 25 -5.07 -5.79 -10.07
CA GLN B 25 -5.75 -5.57 -8.81
C GLN B 25 -7.24 -5.85 -9.00
N ALA B 26 -7.82 -6.63 -8.10
CA ALA B 26 -9.24 -6.98 -8.19
C ALA B 26 -10.18 -6.23 -7.26
N GLY B 27 -11.44 -6.14 -7.68
CA GLY B 27 -12.47 -5.48 -6.93
C GLY B 27 -13.81 -6.02 -7.41
N ARG B 28 -14.92 -5.48 -6.94
CA ARG B 28 -16.22 -5.98 -7.37
C ARG B 28 -16.86 -5.15 -8.47
N ASN B 29 -17.21 -5.80 -9.57
CA ASN B 29 -17.84 -5.12 -10.69
C ASN B 29 -19.34 -5.38 -10.79
N PHE B 30 -19.79 -6.52 -10.29
CA PHE B 30 -21.21 -6.84 -10.39
C PHE B 30 -21.98 -6.98 -9.09
N TYR B 31 -23.23 -6.50 -9.10
CA TYR B 31 -24.14 -6.59 -7.95
C TYR B 31 -25.48 -7.06 -8.49
N ASN B 32 -26.19 -7.86 -7.71
CA ASN B 32 -27.52 -8.35 -8.11
C ASN B 32 -27.59 -8.90 -9.52
N VAL B 33 -26.81 -9.94 -9.80
CA VAL B 33 -26.80 -10.54 -11.12
C VAL B 33 -26.97 -12.03 -11.03
N ASP B 34 -27.80 -12.56 -11.91
CA ASP B 34 -28.06 -13.98 -11.98
C ASP B 34 -26.91 -14.56 -12.82
N ILE B 35 -26.50 -15.78 -12.52
CA ILE B 35 -25.44 -16.42 -13.28
C ILE B 35 -25.68 -16.26 -14.78
N SER B 36 -26.91 -16.53 -15.21
CA SER B 36 -27.30 -16.41 -16.62
C SER B 36 -26.80 -15.13 -17.26
N TYR B 37 -26.76 -14.05 -16.49
CA TYR B 37 -26.30 -12.75 -16.96
C TYR B 37 -24.81 -12.86 -17.30
N LEU B 38 -24.02 -13.31 -16.33
CA LEU B 38 -22.59 -13.46 -16.53
C LEU B 38 -22.34 -14.34 -17.74
N LYS B 39 -23.16 -15.37 -17.91
CA LYS B 39 -23.02 -16.27 -19.04
C LYS B 39 -23.28 -15.50 -20.34
N LYS B 40 -24.42 -14.83 -20.43
CA LYS B 40 -24.74 -14.06 -21.62
C LYS B 40 -23.71 -12.97 -21.92
N LEU B 41 -23.03 -12.47 -20.88
CA LEU B 41 -22.01 -11.46 -21.10
C LEU B 41 -20.86 -12.04 -21.93
N CYS B 42 -20.48 -13.28 -21.64
CA CYS B 42 -19.42 -13.94 -22.39
C CYS B 42 -20.08 -14.50 -23.66
N GLY B 43 -20.40 -13.62 -24.60
CA GLY B 43 -21.07 -14.07 -25.82
C GLY B 43 -20.19 -14.30 -27.03
N THR B 44 -19.45 -15.40 -27.05
CA THR B 44 -18.59 -15.72 -28.20
C THR B 44 -18.33 -17.21 -28.20
N VAL B 45 -18.67 -17.87 -29.29
CA VAL B 45 -18.40 -19.29 -29.34
C VAL B 45 -17.03 -19.37 -29.99
N LEU B 46 -16.07 -19.91 -29.22
CA LEU B 46 -14.70 -20.02 -29.68
C LEU B 46 -14.44 -21.18 -30.63
N GLY B 47 -13.25 -21.14 -31.23
CA GLY B 47 -12.80 -22.18 -32.13
C GLY B 47 -13.49 -22.27 -33.47
N GLY B 48 -14.20 -21.23 -33.88
CA GLY B 48 -14.86 -21.25 -35.18
C GLY B 48 -13.86 -21.30 -36.33
N PRO B 49 -14.30 -21.73 -37.53
CA PRO B 49 -13.40 -21.82 -38.69
C PRO B 49 -12.83 -20.45 -39.02
N LYS B 50 -11.51 -20.37 -39.07
CA LYS B 50 -10.83 -19.11 -39.31
C LYS B 50 -10.80 -18.63 -40.74
N LEU B 51 -10.56 -17.34 -40.92
CA LEU B 51 -10.49 -16.73 -42.25
C LEU B 51 -9.10 -16.89 -42.79
N PRO B 52 -8.92 -16.65 -44.10
CA PRO B 52 -7.57 -16.80 -44.66
C PRO B 52 -6.66 -15.82 -43.92
N GLU B 53 -5.46 -16.28 -43.59
CA GLU B 53 -4.50 -15.47 -42.85
C GLU B 53 -3.87 -14.39 -43.72
N ARG B 54 -3.63 -13.23 -43.10
CA ARG B 54 -3.02 -12.08 -43.76
C ARG B 54 -1.56 -12.36 -44.05
N VAL B 55 -1.09 -11.89 -45.19
CA VAL B 55 0.29 -12.06 -45.64
C VAL B 55 1.36 -11.93 -44.57
N GLY B 56 1.25 -10.92 -43.70
CA GLY B 56 2.27 -10.72 -42.68
C GLY B 56 3.24 -9.68 -43.22
N PHE B 57 3.65 -8.73 -42.38
CA PHE B 57 4.52 -7.66 -42.84
C PHE B 57 5.21 -6.93 -41.70
N SER B 58 5.01 -7.38 -40.47
CA SER B 58 5.60 -6.74 -39.30
C SER B 58 7.08 -6.40 -39.48
N GLU B 59 7.81 -7.30 -40.15
CA GLU B 59 9.25 -7.15 -40.39
C GLU B 59 9.68 -5.78 -40.89
N ASP B 60 8.77 -5.07 -41.57
CA ASP B 60 9.07 -3.75 -42.09
C ASP B 60 8.76 -2.65 -41.08
N ILE B 61 7.58 -2.71 -40.46
CA ILE B 61 7.16 -1.70 -39.50
C ILE B 61 8.01 -1.67 -38.24
N ASN B 62 8.56 -0.49 -37.94
CA ASN B 62 9.38 -0.30 -36.74
C ASN B 62 8.43 -0.03 -35.57
N LEU B 63 7.98 -1.11 -34.94
CA LEU B 63 7.04 -1.06 -33.83
C LEU B 63 7.56 -0.40 -32.56
N PRO B 64 6.85 0.62 -32.05
CA PRO B 64 7.24 1.31 -30.82
C PRO B 64 7.01 0.40 -29.62
N GLU B 65 7.52 0.82 -28.46
CA GLU B 65 7.38 0.05 -27.23
C GLU B 65 5.94 0.06 -26.76
N SER B 66 5.29 1.19 -26.91
CA SER B 66 3.91 1.33 -26.46
C SER B 66 3.11 2.05 -27.51
N PHE B 67 1.85 1.67 -27.65
CA PHE B 67 0.96 2.29 -28.62
C PHE B 67 -0.40 2.35 -27.97
N ASP B 68 -1.21 3.29 -28.43
CA ASP B 68 -2.55 3.47 -27.92
C ASP B 68 -3.29 4.16 -29.04
N ALA B 69 -4.04 3.36 -29.81
CA ALA B 69 -4.82 3.84 -30.94
C ALA B 69 -5.52 5.16 -30.64
N ARG B 70 -5.97 5.33 -29.40
CA ARG B 70 -6.66 6.55 -28.98
C ARG B 70 -5.83 7.82 -29.15
N GLU B 71 -4.58 7.79 -28.72
CA GLU B 71 -3.72 8.96 -28.87
C GLU B 71 -3.37 9.15 -30.34
N GLN B 72 -3.05 8.05 -31.01
CA GLN B 72 -2.68 8.07 -32.41
C GLN B 72 -3.71 8.67 -33.37
N TRP B 73 -4.99 8.40 -33.14
CA TRP B 73 -6.04 8.93 -34.00
C TRP B 73 -7.11 9.61 -33.17
N SER B 74 -6.70 10.64 -32.42
CA SER B 74 -7.63 11.38 -31.58
C SER B 74 -8.83 11.92 -32.37
N ASN B 75 -8.63 12.17 -33.66
CA ASN B 75 -9.70 12.66 -34.53
C ASN B 75 -10.82 11.63 -34.72
N CYS B 76 -10.61 10.44 -34.16
CA CYS B 76 -11.59 9.36 -34.23
C CYS B 76 -12.15 9.03 -32.83
N PRO B 77 -13.25 9.69 -32.45
CA PRO B 77 -13.93 9.52 -31.16
C PRO B 77 -14.23 8.06 -30.79
N THR B 78 -14.74 7.32 -31.76
CA THR B 78 -15.09 5.92 -31.56
C THR B 78 -14.03 5.10 -30.82
N ILE B 79 -12.75 5.30 -31.17
CA ILE B 79 -11.66 4.55 -30.54
C ILE B 79 -11.63 4.65 -29.00
N ALA B 80 -12.55 5.42 -28.42
CA ALA B 80 -12.59 5.57 -26.96
C ALA B 80 -14.00 5.32 -26.45
N GLN B 81 -14.93 5.19 -27.38
CA GLN B 81 -16.31 4.94 -27.02
C GLN B 81 -16.34 3.56 -26.36
N ILE B 82 -17.26 3.34 -25.43
CA ILE B 82 -17.42 2.05 -24.78
C ILE B 82 -18.89 1.64 -24.88
N ARG B 83 -19.16 0.53 -25.55
CA ARG B 83 -20.53 0.08 -25.72
C ARG B 83 -21.02 -0.83 -24.61
N ASP B 84 -22.28 -1.24 -24.69
CA ASP B 84 -22.90 -2.12 -23.71
C ASP B 84 -23.71 -3.15 -24.49
N GLN B 85 -23.40 -4.43 -24.25
CA GLN B 85 -24.08 -5.53 -24.93
C GLN B 85 -25.34 -5.99 -24.22
N GLY B 86 -25.58 -5.44 -23.03
CA GLY B 86 -26.74 -5.82 -22.25
C GLY B 86 -26.76 -7.29 -21.85
N SER B 87 -27.96 -7.85 -21.75
CA SER B 87 -28.15 -9.25 -21.38
C SER B 87 -28.18 -10.12 -22.63
N CYS B 88 -27.37 -9.75 -23.61
CA CYS B 88 -27.31 -10.47 -24.87
C CYS B 88 -25.91 -11.00 -25.13
N GLY B 89 -25.81 -12.25 -25.58
CA GLY B 89 -24.52 -12.85 -25.88
C GLY B 89 -24.03 -12.34 -27.22
N SER B 90 -24.00 -11.01 -27.35
CA SER B 90 -23.60 -10.36 -28.57
C SER B 90 -22.17 -9.83 -28.65
N SER B 91 -21.33 -10.14 -27.66
CA SER B 91 -19.96 -9.62 -27.73
C SER B 91 -19.28 -9.92 -29.06
N TRP B 92 -19.55 -11.10 -29.61
CA TRP B 92 -18.99 -11.48 -30.89
C TRP B 92 -19.30 -10.38 -31.90
N ALA B 93 -20.47 -9.77 -31.77
CA ALA B 93 -20.88 -8.70 -32.67
C ALA B 93 -20.24 -7.38 -32.31
N PHE B 94 -20.26 -7.05 -31.02
CA PHE B 94 -19.69 -5.79 -30.59
C PHE B 94 -18.22 -5.60 -30.92
N GLY B 95 -17.41 -6.62 -30.63
CA GLY B 95 -16.00 -6.53 -30.92
C GLY B 95 -15.75 -6.21 -32.37
N ALA B 96 -16.62 -6.73 -33.21
CA ALA B 96 -16.52 -6.51 -34.65
C ALA B 96 -16.86 -5.06 -35.02
N VAL B 97 -18.12 -4.68 -34.89
CA VAL B 97 -18.54 -3.33 -35.23
C VAL B 97 -17.73 -2.22 -34.53
N GLU B 98 -17.18 -2.50 -33.35
CA GLU B 98 -16.36 -1.50 -32.63
C GLU B 98 -15.09 -1.25 -33.46
N ALA B 99 -14.41 -2.33 -33.83
CA ALA B 99 -13.19 -2.24 -34.63
C ALA B 99 -13.51 -1.59 -35.99
N MET B 100 -14.60 -2.02 -36.62
CA MET B 100 -15.01 -1.47 -37.90
C MET B 100 -15.18 0.05 -37.85
N SER B 101 -15.92 0.55 -36.86
CA SER B 101 -16.14 1.99 -36.75
C SER B 101 -14.80 2.71 -36.71
N ASP B 102 -13.91 2.20 -35.85
CA ASP B 102 -12.57 2.76 -35.70
C ASP B 102 -11.84 2.90 -37.04
N ARG B 103 -11.77 1.80 -37.78
CA ARG B 103 -11.07 1.79 -39.06
C ARG B 103 -11.70 2.72 -40.11
N ILE B 104 -13.02 2.74 -40.26
CA ILE B 104 -13.65 3.63 -41.24
C ILE B 104 -13.11 5.05 -41.04
N CYS B 105 -12.95 5.47 -39.80
CA CYS B 105 -12.43 6.80 -39.51
C CYS B 105 -10.95 6.87 -39.89
N ILE B 106 -10.14 6.06 -39.23
CA ILE B 106 -8.70 5.99 -39.48
C ILE B 106 -8.37 5.94 -40.97
N HIS B 107 -9.00 5.04 -41.70
CA HIS B 107 -8.74 4.88 -43.12
C HIS B 107 -9.25 5.97 -44.07
N THR B 108 -9.87 7.00 -43.51
CA THR B 108 -10.37 8.13 -44.30
C THR B 108 -9.89 9.40 -43.62
N ASN B 109 -8.80 9.27 -42.86
CA ASN B 109 -8.19 10.39 -42.16
C ASN B 109 -9.18 11.24 -41.39
N GLY B 110 -10.17 10.59 -40.81
CA GLY B 110 -11.15 11.32 -40.01
C GLY B 110 -12.14 12.16 -40.78
N ARG B 111 -12.33 11.87 -42.06
CA ARG B 111 -13.27 12.61 -42.87
C ARG B 111 -14.60 11.87 -42.81
N VAL B 112 -14.53 10.56 -42.57
CA VAL B 112 -15.73 9.75 -42.47
C VAL B 112 -15.76 9.14 -41.09
N ASN B 113 -16.79 9.48 -40.31
CA ASN B 113 -16.90 8.97 -38.95
C ASN B 113 -18.32 8.50 -38.63
N VAL B 114 -18.54 7.19 -38.61
CA VAL B 114 -19.86 6.64 -38.32
C VAL B 114 -19.78 5.56 -37.26
N GLU B 115 -20.91 5.24 -36.64
CA GLU B 115 -20.96 4.19 -35.63
C GLU B 115 -21.68 3.02 -36.32
N VAL B 116 -20.93 1.96 -36.62
CA VAL B 116 -21.52 0.82 -37.29
C VAL B 116 -22.48 0.20 -36.29
N SER B 117 -23.65 -0.21 -36.81
CA SER B 117 -24.72 -0.79 -35.99
C SER B 117 -24.43 -2.16 -35.41
N ALA B 118 -24.53 -2.29 -34.10
CA ALA B 118 -24.31 -3.59 -33.48
C ALA B 118 -25.58 -4.36 -33.72
N GLU B 119 -26.69 -3.63 -33.78
CA GLU B 119 -28.01 -4.18 -33.99
C GLU B 119 -28.09 -4.96 -35.29
N ASP B 120 -27.84 -4.27 -36.39
CA ASP B 120 -27.87 -4.87 -37.73
C ASP B 120 -27.15 -6.22 -37.82
N LEU B 121 -25.94 -6.28 -37.28
CA LEU B 121 -25.12 -7.50 -37.29
C LEU B 121 -25.73 -8.61 -36.40
N LEU B 122 -26.19 -8.21 -35.22
CA LEU B 122 -26.78 -9.13 -34.27
C LEU B 122 -28.06 -9.75 -34.79
N THR B 123 -28.83 -9.02 -35.58
CA THR B 123 -30.11 -9.54 -36.07
C THR B 123 -30.16 -10.05 -37.51
N CYS B 124 -29.41 -9.40 -38.39
CA CYS B 124 -29.44 -9.74 -39.81
C CYS B 124 -28.45 -10.73 -40.36
N CYS B 125 -27.38 -11.00 -39.64
CA CYS B 125 -26.40 -11.95 -40.17
C CYS B 125 -26.97 -13.35 -40.37
N GLY B 126 -27.91 -13.73 -39.52
CA GLY B 126 -28.52 -15.04 -39.61
C GLY B 126 -27.65 -16.15 -39.07
N ILE B 127 -27.70 -17.31 -39.72
CA ILE B 127 -26.92 -18.46 -39.28
C ILE B 127 -25.42 -18.33 -39.60
N GLN B 128 -25.10 -17.52 -40.60
CA GLN B 128 -23.71 -17.34 -40.99
C GLN B 128 -22.81 -16.94 -39.82
N CYS B 129 -23.35 -16.18 -38.87
CA CYS B 129 -22.60 -15.75 -37.71
C CYS B 129 -22.79 -16.63 -36.49
N GLY B 130 -23.98 -17.18 -36.34
CA GLY B 130 -24.25 -18.03 -35.20
C GLY B 130 -25.68 -17.90 -34.69
N ASP B 131 -25.82 -17.77 -33.38
CA ASP B 131 -27.14 -17.68 -32.80
C ASP B 131 -27.34 -16.39 -32.02
N GLY B 132 -27.26 -15.27 -32.72
CA GLY B 132 -27.45 -13.96 -32.12
C GLY B 132 -27.05 -13.81 -30.66
N CYS B 133 -28.04 -13.57 -29.81
CA CYS B 133 -27.82 -13.38 -28.38
C CYS B 133 -27.29 -14.59 -27.62
N ASN B 134 -27.28 -15.75 -28.27
CA ASN B 134 -26.80 -16.98 -27.64
C ASN B 134 -25.31 -17.22 -27.92
N GLY B 135 -24.67 -16.26 -28.56
CA GLY B 135 -23.26 -16.37 -28.89
C GLY B 135 -23.07 -16.62 -30.37
N GLY B 136 -22.03 -16.02 -30.93
CA GLY B 136 -21.74 -16.17 -32.35
C GLY B 136 -20.24 -16.28 -32.64
N TYR B 137 -19.89 -16.23 -33.92
CA TYR B 137 -18.50 -16.33 -34.34
C TYR B 137 -18.04 -15.02 -34.94
N PRO B 138 -16.98 -14.42 -34.37
CA PRO B 138 -16.43 -13.15 -34.85
C PRO B 138 -16.05 -13.23 -36.32
N SER B 139 -15.61 -14.40 -36.75
CA SER B 139 -15.22 -14.58 -38.14
C SER B 139 -16.38 -14.19 -39.06
N GLY B 140 -17.52 -14.86 -38.88
CA GLY B 140 -18.67 -14.60 -39.70
C GLY B 140 -19.06 -13.16 -39.74
N ALA B 141 -19.01 -12.48 -38.60
CA ALA B 141 -19.38 -11.07 -38.56
C ALA B 141 -18.60 -10.29 -39.60
N TRP B 142 -17.29 -10.48 -39.61
CA TRP B 142 -16.43 -9.77 -40.54
C TRP B 142 -16.73 -10.18 -41.96
N ASN B 143 -16.91 -11.47 -42.16
CA ASN B 143 -17.18 -11.96 -43.49
C ASN B 143 -18.52 -11.45 -44.01
N PHE B 144 -19.39 -11.04 -43.08
CA PHE B 144 -20.70 -10.51 -43.42
C PHE B 144 -20.54 -9.06 -43.85
N TRP B 145 -19.79 -8.30 -43.06
CA TRP B 145 -19.52 -6.90 -43.33
C TRP B 145 -19.11 -6.74 -44.79
N THR B 146 -18.40 -7.73 -45.30
CA THR B 146 -17.95 -7.71 -46.67
C THR B 146 -19.10 -7.96 -47.64
N ARG B 147 -19.78 -9.08 -47.46
CA ARG B 147 -20.87 -9.47 -48.34
C ARG B 147 -22.11 -8.60 -48.36
N LYS B 148 -22.67 -8.32 -47.20
CA LYS B 148 -23.87 -7.53 -47.17
C LYS B 148 -23.71 -6.19 -46.50
N GLY B 149 -22.59 -6.00 -45.82
CA GLY B 149 -22.36 -4.73 -45.15
C GLY B 149 -23.30 -4.53 -43.97
N LEU B 150 -23.09 -3.45 -43.23
CA LEU B 150 -23.92 -3.16 -42.07
C LEU B 150 -24.19 -1.66 -42.06
N VAL B 151 -25.38 -1.25 -41.65
CA VAL B 151 -25.71 0.17 -41.58
C VAL B 151 -25.19 0.75 -40.28
N SER B 152 -25.36 2.06 -40.12
CA SER B 152 -24.95 2.76 -38.91
C SER B 152 -25.94 2.43 -37.79
N GLY B 153 -25.64 2.86 -36.58
CA GLY B 153 -26.50 2.60 -35.44
C GLY B 153 -25.79 2.88 -34.12
N GLY B 154 -26.34 3.81 -33.35
CA GLY B 154 -25.75 4.15 -32.08
C GLY B 154 -26.10 3.19 -30.96
N VAL B 155 -25.96 3.67 -29.73
CA VAL B 155 -26.25 2.87 -28.54
C VAL B 155 -27.77 2.87 -28.22
N TYR B 156 -28.16 2.10 -27.22
CA TYR B 156 -29.56 1.98 -26.80
C TYR B 156 -30.21 3.32 -26.51
N ASN B 157 -31.32 3.58 -27.19
CA ASN B 157 -32.07 4.81 -27.03
C ASN B 157 -31.27 6.06 -27.37
N SER B 158 -30.20 5.90 -28.15
CA SER B 158 -29.39 7.05 -28.54
C SER B 158 -30.04 7.81 -29.68
N HIS B 159 -30.88 7.11 -30.45
CA HIS B 159 -31.54 7.72 -31.60
C HIS B 159 -30.47 8.19 -32.57
N ILE B 160 -29.30 7.57 -32.49
CA ILE B 160 -28.18 7.90 -33.35
C ILE B 160 -28.14 6.88 -34.46
N GLY B 161 -28.12 7.36 -35.70
CA GLY B 161 -28.04 6.47 -36.84
C GLY B 161 -29.27 5.66 -37.16
N CYS B 162 -29.11 4.83 -38.19
CA CYS B 162 -30.17 3.97 -38.69
C CYS B 162 -30.77 2.89 -37.80
N LEU B 163 -29.93 2.18 -37.05
CA LEU B 163 -30.41 1.09 -36.19
C LEU B 163 -29.72 0.96 -34.83
N PRO B 164 -30.05 1.84 -33.89
CA PRO B 164 -29.43 1.78 -32.55
C PRO B 164 -29.72 0.43 -31.89
N TYR B 165 -28.87 0.05 -30.93
CA TYR B 165 -29.02 -1.23 -30.24
C TYR B 165 -30.36 -1.18 -29.52
N THR B 166 -31.12 -2.27 -29.64
CA THR B 166 -32.44 -2.34 -29.03
C THR B 166 -32.47 -3.05 -27.68
N ILE B 167 -31.43 -3.83 -27.39
CA ILE B 167 -31.36 -4.52 -26.14
C ILE B 167 -30.94 -3.53 -25.06
N PRO B 168 -31.80 -3.36 -24.04
CA PRO B 168 -31.55 -2.43 -22.94
C PRO B 168 -30.44 -2.82 -21.99
N PRO B 169 -29.75 -1.81 -21.44
CA PRO B 169 -28.65 -1.94 -20.48
C PRO B 169 -29.17 -2.52 -19.18
N CYS B 170 -28.26 -2.88 -18.30
CA CYS B 170 -28.61 -3.41 -17.00
C CYS B 170 -27.57 -2.85 -16.07
N GLU B 171 -28.00 -1.98 -15.17
CA GLU B 171 -27.10 -1.33 -14.22
C GLU B 171 -26.50 -2.28 -13.19
N HIS B 172 -25.75 -3.26 -13.68
CA HIS B 172 -25.09 -4.25 -12.83
C HIS B 172 -23.99 -3.69 -11.92
N HIS B 173 -23.73 -2.39 -12.03
CA HIS B 173 -22.69 -1.74 -11.24
C HIS B 173 -23.23 -0.96 -10.05
N VAL B 174 -24.53 -0.75 -10.02
CA VAL B 174 -25.17 -0.02 -8.93
C VAL B 174 -25.73 -1.03 -7.94
N ASN B 175 -26.64 -0.60 -7.09
CA ASN B 175 -27.25 -1.48 -6.11
C ASN B 175 -28.49 -0.81 -5.56
N GLY B 176 -29.67 -1.41 -5.79
CA GLY B 176 -30.91 -0.82 -5.30
C GLY B 176 -32.14 -1.57 -5.78
N ALA B 177 -32.58 -1.24 -6.99
CA ALA B 177 -33.76 -1.90 -7.58
C ALA B 177 -33.42 -3.37 -7.69
N ARG B 178 -33.99 -4.14 -6.78
CA ARG B 178 -33.75 -5.57 -6.69
C ARG B 178 -33.81 -6.49 -7.91
N PRO B 179 -34.74 -6.28 -8.87
CA PRO B 179 -34.79 -7.18 -10.02
C PRO B 179 -33.40 -7.46 -10.55
N PRO B 180 -32.80 -8.59 -10.13
CA PRO B 180 -31.45 -8.96 -10.55
C PRO B 180 -31.33 -9.11 -12.05
N CYS B 181 -30.23 -8.61 -12.61
CA CYS B 181 -30.00 -8.73 -14.05
C CYS B 181 -29.97 -10.22 -14.36
N THR B 182 -30.59 -10.61 -15.46
CA THR B 182 -30.61 -12.02 -15.83
C THR B 182 -30.54 -12.17 -17.35
N GLY B 183 -29.52 -12.90 -17.79
CA GLY B 183 -29.31 -13.11 -19.21
C GLY B 183 -30.49 -13.81 -19.86
N GLU B 184 -31.42 -13.01 -20.36
CA GLU B 184 -32.60 -13.54 -21.02
C GLU B 184 -32.82 -12.79 -22.33
N GLY B 185 -34.06 -12.73 -22.78
CA GLY B 185 -34.35 -12.05 -24.02
C GLY B 185 -33.96 -12.95 -25.19
N ASP B 186 -34.49 -12.60 -26.36
CA ASP B 186 -34.21 -13.36 -27.57
C ASP B 186 -33.70 -12.40 -28.63
N THR B 187 -33.00 -12.95 -29.61
CA THR B 187 -32.49 -12.15 -30.68
C THR B 187 -33.63 -11.56 -31.48
N PRO B 188 -33.73 -10.22 -31.53
CA PRO B 188 -34.81 -9.60 -32.30
C PRO B 188 -34.78 -9.98 -33.77
N LYS B 189 -35.91 -9.81 -34.41
CA LYS B 189 -36.11 -10.15 -35.81
C LYS B 189 -35.34 -9.11 -36.67
N CYS B 190 -34.69 -9.55 -37.74
CA CYS B 190 -33.94 -8.64 -38.61
C CYS B 190 -34.87 -7.70 -39.35
N ASN B 191 -35.24 -6.59 -38.71
CA ASN B 191 -36.13 -5.65 -39.37
C ASN B 191 -35.33 -4.69 -40.24
N LYS B 192 -35.07 -5.08 -41.48
CA LYS B 192 -34.31 -4.25 -42.41
C LYS B 192 -35.07 -2.96 -42.68
N MET B 193 -34.98 -2.02 -41.76
CA MET B 193 -35.68 -0.74 -41.90
C MET B 193 -35.17 0.21 -40.83
N CYS B 194 -34.62 1.34 -41.29
CA CYS B 194 -34.08 2.34 -40.38
C CYS B 194 -35.15 2.91 -39.48
N GLU B 195 -34.75 3.23 -38.26
CA GLU B 195 -35.64 3.81 -37.26
C GLU B 195 -36.29 5.06 -37.82
N ALA B 196 -37.60 5.18 -37.69
CA ALA B 196 -38.36 6.33 -38.18
C ALA B 196 -37.69 7.62 -37.70
N GLY B 197 -37.34 8.48 -38.64
CA GLY B 197 -36.69 9.73 -38.31
C GLY B 197 -35.33 9.82 -38.99
N TYR B 198 -34.77 8.65 -39.33
CA TYR B 198 -33.47 8.63 -40.01
C TYR B 198 -33.77 8.86 -41.49
N SER B 199 -33.17 9.90 -42.03
CA SER B 199 -33.37 10.30 -43.41
C SER B 199 -32.63 9.56 -44.51
N THR B 200 -32.73 8.24 -44.56
CA THR B 200 -32.06 7.48 -45.63
C THR B 200 -32.29 5.97 -45.54
N SER B 201 -32.65 5.39 -46.66
CA SER B 201 -32.94 3.96 -46.74
C SER B 201 -31.84 3.02 -46.22
N TYR B 202 -32.25 2.08 -45.39
CA TYR B 202 -31.37 1.07 -44.79
C TYR B 202 -30.45 0.56 -45.89
N LYS B 203 -31.02 0.09 -46.99
CA LYS B 203 -30.22 -0.42 -48.10
C LYS B 203 -29.14 0.60 -48.53
N GLU B 204 -29.48 1.89 -48.51
CA GLU B 204 -28.56 2.95 -48.90
C GLU B 204 -27.71 3.50 -47.75
N ASP B 205 -27.66 2.76 -46.65
CA ASP B 205 -26.86 3.18 -45.50
C ASP B 205 -25.74 2.18 -45.24
N LYS B 206 -25.89 0.99 -45.81
CA LYS B 206 -24.90 -0.07 -45.67
C LYS B 206 -23.46 0.37 -45.93
N HIS B 207 -22.60 0.10 -44.95
CA HIS B 207 -21.18 0.41 -45.02
C HIS B 207 -20.50 -0.93 -45.23
N TYR B 208 -19.72 -1.04 -46.30
CA TYR B 208 -19.02 -2.28 -46.62
C TYR B 208 -17.52 -2.25 -46.37
N GLY B 209 -16.90 -3.44 -46.42
CA GLY B 209 -15.47 -3.58 -46.23
C GLY B 209 -14.94 -4.35 -47.42
N TYR B 210 -13.70 -4.10 -47.82
CA TYR B 210 -13.09 -4.80 -48.96
C TYR B 210 -12.92 -6.28 -48.69
N THR B 211 -12.34 -6.61 -47.54
CA THR B 211 -12.08 -8.01 -47.16
C THR B 211 -11.71 -8.18 -45.68
N SER B 212 -12.05 -9.32 -45.11
CA SER B 212 -11.74 -9.57 -43.71
C SER B 212 -10.70 -10.67 -43.65
N TYR B 213 -9.84 -10.64 -42.64
CA TYR B 213 -8.79 -11.63 -42.54
C TYR B 213 -8.36 -12.00 -41.16
N SER B 214 -7.62 -13.10 -41.07
CA SER B 214 -7.09 -13.57 -39.81
C SER B 214 -5.72 -12.91 -39.66
N VAL B 215 -5.26 -12.75 -38.42
CA VAL B 215 -3.94 -12.21 -38.18
C VAL B 215 -3.25 -13.33 -37.42
N SER B 216 -2.07 -13.76 -37.87
CA SER B 216 -1.38 -14.85 -37.19
C SER B 216 -1.29 -14.60 -35.69
N ASP B 217 -0.98 -15.64 -34.95
CA ASP B 217 -0.86 -15.50 -33.52
C ASP B 217 0.54 -15.05 -33.17
N SER B 218 1.12 -14.23 -34.03
CA SER B 218 2.47 -13.72 -33.80
C SER B 218 2.39 -12.35 -33.11
N GLU B 219 2.87 -12.28 -31.88
CA GLU B 219 2.84 -11.02 -31.13
C GLU B 219 3.23 -9.80 -31.96
N LYS B 220 4.32 -9.90 -32.69
CA LYS B 220 4.79 -8.80 -33.50
C LYS B 220 3.87 -8.52 -34.68
N GLU B 221 3.30 -9.56 -35.26
CA GLU B 221 2.40 -9.39 -36.39
C GLU B 221 1.13 -8.66 -36.01
N ILE B 222 0.52 -9.05 -34.88
CA ILE B 222 -0.70 -8.41 -34.38
C ILE B 222 -0.39 -6.94 -34.14
N MET B 223 0.81 -6.69 -33.60
CA MET B 223 1.25 -5.32 -33.31
C MET B 223 1.31 -4.48 -34.56
N ALA B 224 1.88 -5.04 -35.61
CA ALA B 224 1.99 -4.34 -36.87
C ALA B 224 0.60 -4.02 -37.43
N GLU B 225 -0.28 -5.02 -37.40
CA GLU B 225 -1.65 -4.88 -37.91
C GLU B 225 -2.39 -3.73 -37.24
N ILE B 226 -2.26 -3.64 -35.92
CA ILE B 226 -2.93 -2.57 -35.18
C ILE B 226 -2.34 -1.21 -35.48
N TYR B 227 -1.01 -1.13 -35.45
CA TYR B 227 -0.26 0.10 -35.71
C TYR B 227 -0.47 0.65 -37.11
N LYS B 228 -0.55 -0.24 -38.09
CA LYS B 228 -0.72 0.18 -39.48
C LYS B 228 -2.19 0.30 -39.90
N ASN B 229 -2.98 -0.72 -39.65
CA ASN B 229 -4.37 -0.64 -40.06
C ASN B 229 -5.41 -0.30 -39.01
N GLY B 230 -5.06 -0.41 -37.73
CA GLY B 230 -6.02 -0.06 -36.68
C GLY B 230 -6.44 -1.16 -35.71
N PRO B 231 -7.31 -0.81 -34.75
CA PRO B 231 -7.81 -1.76 -33.74
C PRO B 231 -8.41 -2.99 -34.41
N VAL B 232 -8.29 -4.14 -33.74
CA VAL B 232 -8.78 -5.41 -34.26
C VAL B 232 -9.59 -6.20 -33.25
N GLU B 233 -10.43 -7.11 -33.73
CA GLU B 233 -11.24 -7.92 -32.84
C GLU B 233 -10.47 -9.17 -32.44
N GLY B 234 -10.76 -9.67 -31.25
CA GLY B 234 -10.08 -10.86 -30.78
C GLY B 234 -10.88 -11.46 -29.65
N ALA B 235 -10.78 -12.77 -29.45
CA ALA B 235 -11.55 -13.42 -28.38
C ALA B 235 -10.63 -14.16 -27.45
N PHE B 236 -11.15 -14.46 -26.26
CA PHE B 236 -10.38 -15.18 -25.26
C PHE B 236 -11.27 -15.95 -24.33
N THR B 237 -10.64 -16.78 -23.50
CA THR B 237 -11.36 -17.58 -22.52
C THR B 237 -11.57 -16.74 -21.29
N VAL B 238 -12.78 -16.75 -20.76
CA VAL B 238 -13.07 -15.96 -19.57
C VAL B 238 -13.06 -16.87 -18.36
N PHE B 239 -12.39 -16.43 -17.31
CA PHE B 239 -12.36 -17.17 -16.06
C PHE B 239 -13.02 -16.28 -15.00
N SER B 240 -13.69 -16.90 -14.03
CA SER B 240 -14.39 -16.18 -12.97
C SER B 240 -13.73 -14.89 -12.55
N ASP B 241 -12.50 -14.98 -12.06
CA ASP B 241 -11.77 -13.83 -11.56
C ASP B 241 -11.64 -12.64 -12.51
N PHE B 242 -11.69 -12.89 -13.82
CA PHE B 242 -11.61 -11.79 -14.77
C PHE B 242 -12.70 -10.82 -14.47
N LEU B 243 -13.86 -11.37 -14.12
CA LEU B 243 -15.02 -10.56 -13.80
C LEU B 243 -14.75 -9.47 -12.74
N THR B 244 -13.74 -9.68 -11.89
CA THR B 244 -13.42 -8.72 -10.84
C THR B 244 -12.26 -7.76 -11.17
N TYR B 245 -11.82 -7.78 -12.42
CA TYR B 245 -10.72 -6.91 -12.83
C TYR B 245 -10.99 -5.47 -12.45
N LYS B 246 -10.00 -4.82 -11.86
CA LYS B 246 -10.12 -3.43 -11.50
C LYS B 246 -9.02 -2.58 -12.13
N SER B 247 -7.81 -3.10 -12.18
CA SER B 247 -6.66 -2.40 -12.78
C SER B 247 -5.49 -3.37 -12.91
N GLY B 248 -4.37 -2.92 -13.45
CA GLY B 248 -3.21 -3.78 -13.58
C GLY B 248 -3.24 -4.61 -14.84
N VAL B 249 -2.42 -5.67 -14.88
CA VAL B 249 -2.31 -6.55 -16.02
C VAL B 249 -2.96 -7.91 -15.72
N TYR B 250 -4.15 -8.14 -16.24
CA TYR B 250 -4.85 -9.39 -15.98
C TYR B 250 -4.05 -10.63 -16.37
N LYS B 251 -3.83 -11.46 -15.38
CA LYS B 251 -3.09 -12.69 -15.53
C LYS B 251 -3.89 -13.69 -14.72
N HIS B 252 -4.76 -14.46 -15.37
CA HIS B 252 -5.60 -15.45 -14.69
C HIS B 252 -4.95 -16.02 -13.44
N GLU B 253 -5.54 -15.68 -12.30
CA GLU B 253 -5.04 -16.13 -11.01
C GLU B 253 -5.88 -17.21 -10.33
N ALA B 254 -7.20 -17.17 -10.52
CA ALA B 254 -8.10 -18.15 -9.90
C ALA B 254 -9.49 -18.17 -10.54
N GLY B 255 -10.32 -19.10 -10.07
CA GLY B 255 -11.67 -19.22 -10.59
C GLY B 255 -11.74 -20.22 -11.73
N ASP B 256 -12.95 -20.68 -12.02
CA ASP B 256 -13.18 -21.65 -13.09
C ASP B 256 -13.44 -20.96 -14.43
N VAL B 257 -13.72 -21.75 -15.46
CA VAL B 257 -13.98 -21.26 -16.80
C VAL B 257 -15.42 -20.80 -16.96
N MET B 258 -15.61 -19.58 -17.45
CA MET B 258 -16.95 -19.04 -17.70
C MET B 258 -17.39 -19.40 -19.12
N GLY B 259 -16.67 -18.89 -20.11
CA GLY B 259 -16.98 -19.16 -21.51
C GLY B 259 -16.08 -18.27 -22.35
N GLY B 260 -16.28 -18.25 -23.67
CA GLY B 260 -15.45 -17.41 -24.51
C GLY B 260 -15.94 -15.97 -24.52
N HIS B 261 -15.13 -15.06 -25.05
CA HIS B 261 -15.52 -13.66 -25.08
C HIS B 261 -14.65 -12.90 -26.09
N ALA B 262 -15.29 -12.14 -26.96
CA ALA B 262 -14.58 -11.35 -27.97
C ALA B 262 -14.45 -9.93 -27.44
N ILE B 263 -13.48 -9.19 -27.97
CA ILE B 263 -13.19 -7.81 -27.58
C ILE B 263 -12.46 -7.08 -28.68
N ARG B 264 -12.12 -5.82 -28.42
CA ARG B 264 -11.42 -5.00 -29.39
C ARG B 264 -10.07 -4.64 -28.81
N ILE B 265 -9.00 -5.14 -29.43
CA ILE B 265 -7.63 -4.84 -28.98
C ILE B 265 -7.26 -3.54 -29.69
N LEU B 266 -6.79 -2.54 -28.93
CA LEU B 266 -6.48 -1.24 -29.52
C LEU B 266 -5.17 -0.63 -29.06
N GLY B 267 -4.22 -1.45 -28.66
CA GLY B 267 -2.95 -0.90 -28.23
C GLY B 267 -2.18 -1.90 -27.40
N TRP B 268 -0.97 -1.53 -27.01
CA TRP B 268 -0.14 -2.38 -26.18
C TRP B 268 0.78 -1.49 -25.38
N GLY B 269 1.66 -2.10 -24.60
CA GLY B 269 2.58 -1.36 -23.79
C GLY B 269 3.22 -2.27 -22.77
N ILE B 270 3.95 -1.68 -21.85
CA ILE B 270 4.61 -2.42 -20.79
C ILE B 270 4.30 -1.67 -19.51
N GLU B 271 3.80 -2.39 -18.51
CA GLU B 271 3.48 -1.75 -17.25
C GLU B 271 4.06 -2.58 -16.15
N ASN B 272 4.96 -1.96 -15.38
CA ASN B 272 5.55 -2.65 -14.24
C ASN B 272 6.30 -3.91 -14.72
N GLY B 273 6.95 -3.77 -15.86
CA GLY B 273 7.69 -4.88 -16.43
C GLY B 273 6.87 -5.85 -17.26
N VAL B 274 5.60 -6.04 -16.89
CA VAL B 274 4.72 -6.95 -17.60
C VAL B 274 4.21 -6.39 -18.92
N PRO B 275 4.40 -7.12 -20.00
CA PRO B 275 3.92 -6.61 -21.29
C PRO B 275 2.40 -6.81 -21.27
N TYR B 276 1.64 -5.92 -21.89
CA TYR B 276 0.20 -6.03 -21.86
C TYR B 276 -0.51 -5.51 -23.09
N TRP B 277 -1.68 -6.08 -23.37
CA TRP B 277 -2.50 -5.64 -24.50
C TRP B 277 -3.51 -4.66 -23.91
N LEU B 278 -3.74 -3.54 -24.60
CA LEU B 278 -4.73 -2.59 -24.13
C LEU B 278 -6.03 -3.04 -24.76
N VAL B 279 -6.97 -3.49 -23.94
CA VAL B 279 -8.25 -3.99 -24.45
C VAL B 279 -9.51 -3.22 -24.02
N ALA B 280 -10.47 -3.11 -24.93
CA ALA B 280 -11.73 -2.45 -24.62
C ALA B 280 -12.81 -3.50 -24.51
N ASN B 281 -13.46 -3.57 -23.36
CA ASN B 281 -14.53 -4.54 -23.10
C ASN B 281 -15.85 -3.84 -23.38
N SER B 282 -16.89 -4.61 -23.65
CA SER B 282 -18.22 -4.06 -23.91
C SER B 282 -19.18 -4.40 -22.78
N TRP B 283 -18.74 -4.18 -21.54
CA TRP B 283 -19.57 -4.44 -20.37
C TRP B 283 -19.94 -3.16 -19.66
N ASN B 284 -20.19 -2.13 -20.46
CA ASN B 284 -20.56 -0.80 -19.97
C ASN B 284 -19.36 -0.07 -19.41
N ALA B 285 -19.33 1.24 -19.67
CA ALA B 285 -18.24 2.13 -19.27
C ALA B 285 -17.79 2.10 -17.82
N ASP B 286 -18.57 1.46 -16.95
CA ASP B 286 -18.24 1.42 -15.53
C ASP B 286 -17.50 0.17 -15.08
N TRP B 287 -17.29 -0.78 -15.99
CA TRP B 287 -16.60 -2.01 -15.64
C TRP B 287 -15.10 -1.82 -15.77
N GLY B 288 -14.36 -2.40 -14.83
CA GLY B 288 -12.91 -2.30 -14.85
C GLY B 288 -12.36 -0.87 -14.91
N ASP B 289 -11.31 -0.68 -15.68
CA ASP B 289 -10.68 0.63 -15.83
C ASP B 289 -11.45 1.42 -16.89
N ASN B 290 -12.55 2.04 -16.46
CA ASN B 290 -13.40 2.84 -17.33
C ASN B 290 -13.95 2.14 -18.57
N GLY B 291 -13.97 0.82 -18.56
CA GLY B 291 -14.48 0.08 -19.69
C GLY B 291 -13.39 -0.73 -20.33
N PHE B 292 -12.16 -0.29 -20.14
CA PHE B 292 -10.99 -0.96 -20.72
C PHE B 292 -10.34 -1.84 -19.68
N PHE B 293 -9.39 -2.65 -20.10
CA PHE B 293 -8.63 -3.52 -19.20
C PHE B 293 -7.36 -3.95 -19.92
N LYS B 294 -6.33 -4.33 -19.17
CA LYS B 294 -5.08 -4.77 -19.79
C LYS B 294 -4.91 -6.27 -19.52
N ILE B 295 -4.39 -7.01 -20.49
CA ILE B 295 -4.19 -8.44 -20.30
C ILE B 295 -2.74 -8.76 -20.64
N LEU B 296 -2.23 -9.85 -20.07
CA LEU B 296 -0.85 -10.28 -20.28
C LEU B 296 -0.54 -10.42 -21.75
N ARG B 297 0.51 -9.76 -22.19
CA ARG B 297 0.88 -9.81 -23.59
C ARG B 297 2.04 -10.76 -23.84
N GLY B 298 2.02 -11.42 -24.99
CA GLY B 298 3.11 -12.32 -25.33
C GLY B 298 2.87 -13.81 -25.29
N GLU B 299 2.80 -14.38 -24.09
CA GLU B 299 2.61 -15.81 -23.96
C GLU B 299 1.20 -16.34 -24.20
N ASN B 300 0.57 -15.88 -25.28
CA ASN B 300 -0.79 -16.30 -25.65
C ASN B 300 -1.66 -16.66 -24.43
N HIS B 301 -1.81 -15.71 -23.51
CA HIS B 301 -2.60 -15.95 -22.31
C HIS B 301 -4.09 -16.02 -22.63
N CYS B 302 -4.74 -17.07 -22.12
CA CYS B 302 -6.16 -17.30 -22.34
C CYS B 302 -6.57 -17.31 -23.80
N GLY B 303 -5.57 -17.39 -24.68
CA GLY B 303 -5.82 -17.44 -26.11
C GLY B 303 -6.08 -16.10 -26.73
N ILE B 304 -5.75 -15.05 -25.99
CA ILE B 304 -5.95 -13.67 -26.46
C ILE B 304 -5.32 -13.42 -27.84
N GLU B 305 -4.29 -14.20 -28.17
CA GLU B 305 -3.59 -14.05 -29.44
C GLU B 305 -3.97 -15.08 -30.52
N SER B 306 -4.87 -16.00 -30.16
CA SER B 306 -5.32 -17.05 -31.06
C SER B 306 -6.27 -16.70 -32.20
N GLU B 307 -7.31 -15.91 -31.93
CA GLU B 307 -8.30 -15.56 -32.95
C GLU B 307 -8.42 -14.08 -33.33
N ILE B 308 -7.37 -13.53 -33.91
CA ILE B 308 -7.40 -12.14 -34.30
C ILE B 308 -8.04 -11.92 -35.67
N VAL B 309 -9.11 -11.14 -35.70
CA VAL B 309 -9.79 -10.85 -36.96
C VAL B 309 -9.71 -9.35 -37.23
N ALA B 310 -9.76 -8.96 -38.50
CA ALA B 310 -9.69 -7.56 -38.88
C ALA B 310 -10.10 -7.40 -40.32
N GLY B 311 -10.20 -6.15 -40.76
CA GLY B 311 -10.59 -5.88 -42.13
C GLY B 311 -10.30 -4.46 -42.55
N ILE B 312 -10.45 -4.18 -43.83
CA ILE B 312 -10.20 -2.85 -44.34
C ILE B 312 -11.49 -2.34 -44.93
N PRO B 313 -11.99 -1.21 -44.42
CA PRO B 313 -13.22 -0.60 -44.89
C PRO B 313 -13.12 -0.16 -46.35
N ARG B 314 -14.10 -0.54 -47.15
CA ARG B 314 -14.11 -0.13 -48.55
C ARG B 314 -14.36 1.37 -48.55
N THR B 315 -13.30 2.15 -48.76
CA THR B 315 -13.34 3.62 -48.74
C THR B 315 -14.14 4.24 -49.89
N GLN B 316 -14.15 3.57 -51.05
CA GLN B 316 -14.82 4.04 -52.25
C GLN B 316 -16.16 4.80 -52.10
N GLN B 317 -17.18 4.16 -51.54
CA GLN B 317 -18.49 4.80 -51.44
C GLN B 317 -18.58 6.15 -50.71
N TYR B 318 -17.50 6.61 -50.09
CA TYR B 318 -17.54 7.88 -49.36
C TYR B 318 -17.06 9.08 -50.16
N TRP B 319 -16.19 8.87 -51.14
CA TRP B 319 -15.65 9.97 -51.92
C TRP B 319 -16.64 10.99 -52.46
N GLY B 320 -17.52 10.56 -53.36
CA GLY B 320 -18.50 11.48 -53.92
C GLY B 320 -19.40 12.18 -52.91
N ARG B 321 -19.46 11.63 -51.69
CA ARG B 321 -20.31 12.21 -50.65
C ARG B 321 -19.57 13.02 -49.60
N PHE B 322 -18.29 12.74 -49.41
CA PHE B 322 -17.50 13.44 -48.40
C PHE B 322 -16.31 14.17 -49.02
#